data_6UAZ
#
_entry.id   6UAZ
#
_cell.length_a   36.460
_cell.length_b   48.928
_cell.length_c   57.757
_cell.angle_alpha   102.970
_cell.angle_beta   89.340
_cell.angle_gamma   93.760
#
_symmetry.space_group_name_H-M   'P 1'
#
loop_
_entity.id
_entity.type
_entity.pdbx_description
1 polymer 'Glyco_hydro_cc domain-containing protein'
2 non-polymer beta-D-glucopyranose
3 water water
#
_entity_poly.entity_id   1
_entity_poly.type   'polypeptide(L)'
_entity_poly.pdbx_seq_one_letter_code
;MGSSHHHHHHSSGLVPAGSHMADYYTIAANPGSGKRGLAYNNINLLTAFEGGPFSWSYNWEPRPGGYTAGIEYVPMLWGP
RGYGSWNADAEAGIAAGSKNLLAFNEPDIASQANMSPEAAAAAYQKYMNPYAARARLGSPAVSNGAPPKGLGWMQGFLDV
CAGNCKIDFLAVHWHGPSGNVDDFKRYVSEAIALGQKYGIGTVWVTEFEGQGDEEAQVNFLKEVLPWLDSNAGVERYASF
FVDNLVKGGALTSVGKAYKTI
;
_entity_poly.pdbx_strand_id   A,B
#
# COMPACT_ATOMS: atom_id res chain seq x y z
N SER A 33 3.24 -24.43 3.22
CA SER A 33 2.36 -25.62 2.94
C SER A 33 1.15 -25.63 3.89
N GLY A 34 0.01 -26.10 3.36
CA GLY A 34 -1.27 -26.15 4.06
C GLY A 34 -1.99 -24.83 4.02
N LYS A 35 -1.47 -23.77 3.37
CA LYS A 35 -2.12 -22.43 3.40
C LYS A 35 -3.04 -22.23 2.18
N ARG A 36 -2.78 -22.95 1.11
CA ARG A 36 -3.34 -22.66 -0.24
C ARG A 36 -4.80 -23.13 -0.30
N GLY A 37 -5.69 -22.28 -0.84
CA GLY A 37 -7.16 -22.50 -0.92
C GLY A 37 -7.72 -22.51 -2.35
N LEU A 38 -8.88 -23.14 -2.52
CA LEU A 38 -9.64 -23.26 -3.80
C LEU A 38 -10.94 -22.46 -3.68
N ALA A 39 -10.98 -21.27 -4.31
CA ALA A 39 -12.15 -20.36 -4.33
C ALA A 39 -12.96 -20.66 -5.61
N TYR A 40 -14.20 -21.16 -5.49
CA TYR A 40 -14.94 -21.67 -6.69
C TYR A 40 -16.35 -21.11 -6.82
N ASN A 41 -16.89 -21.25 -8.03
CA ASN A 41 -18.33 -21.10 -8.32
C ASN A 41 -18.85 -22.48 -8.73
N ASN A 42 -18.22 -23.11 -9.72
CA ASN A 42 -18.58 -24.48 -10.17
C ASN A 42 -17.78 -25.53 -9.40
N ILE A 43 -18.45 -26.35 -8.57
CA ILE A 43 -17.75 -27.35 -7.72
C ILE A 43 -17.09 -28.38 -8.63
N ASN A 44 -17.63 -28.60 -9.82
CA ASN A 44 -17.12 -29.66 -10.73
C ASN A 44 -15.67 -29.32 -11.14
N LEU A 45 -15.31 -28.03 -11.19
CA LEU A 45 -14.00 -27.55 -11.73
C LEU A 45 -12.87 -27.84 -10.74
N LEU A 46 -13.20 -28.23 -9.50
CA LEU A 46 -12.21 -28.53 -8.43
C LEU A 46 -11.40 -29.78 -8.80
N THR A 47 -11.93 -30.64 -9.67
CA THR A 47 -11.39 -32.01 -9.96
C THR A 47 -9.98 -31.82 -10.54
N ALA A 48 -9.83 -30.88 -11.48
CA ALA A 48 -8.54 -30.54 -12.13
C ALA A 48 -7.44 -30.31 -11.07
N PHE A 49 -7.79 -29.90 -9.84
CA PHE A 49 -6.81 -29.54 -8.78
C PHE A 49 -6.53 -30.71 -7.83
N GLU A 50 -7.37 -31.76 -7.89
CA GLU A 50 -7.26 -32.99 -7.04
C GLU A 50 -5.80 -33.42 -7.03
N GLY A 51 -5.27 -33.77 -5.86
CA GLY A 51 -3.85 -34.15 -5.72
C GLY A 51 -2.90 -33.00 -5.42
N GLY A 52 -3.24 -31.73 -5.69
CA GLY A 52 -2.33 -30.60 -5.38
C GLY A 52 -2.32 -30.24 -3.89
N PRO A 53 -1.48 -29.25 -3.49
CA PRO A 53 -1.29 -28.85 -2.08
C PRO A 53 -2.36 -27.95 -1.40
N PHE A 54 -3.64 -28.31 -1.57
CA PHE A 54 -4.81 -27.51 -1.15
C PHE A 54 -5.31 -28.06 0.17
N SER A 55 -5.67 -27.21 1.15
CA SER A 55 -6.27 -27.67 2.43
C SER A 55 -7.73 -27.23 2.59
N TRP A 56 -8.19 -26.22 1.84
CA TRP A 56 -9.51 -25.59 2.14
C TRP A 56 -10.15 -25.06 0.85
N SER A 57 -11.45 -24.81 0.89
CA SER A 57 -12.27 -24.28 -0.24
C SER A 57 -13.36 -23.35 0.32
N TYR A 58 -13.79 -22.38 -0.48
CA TYR A 58 -15.00 -21.55 -0.22
C TYR A 58 -15.55 -21.16 -1.60
N ASN A 59 -16.79 -20.66 -1.63
CA ASN A 59 -17.55 -20.45 -2.90
C ASN A 59 -18.42 -19.21 -2.81
N TRP A 60 -18.12 -18.28 -1.87
CA TRP A 60 -18.86 -17.00 -1.61
C TRP A 60 -20.32 -17.31 -1.26
N GLU A 61 -20.63 -18.54 -0.86
CA GLU A 61 -22.03 -18.96 -0.52
C GLU A 61 -22.01 -19.58 0.87
N PRO A 62 -23.19 -19.84 1.48
CA PRO A 62 -23.25 -20.53 2.78
C PRO A 62 -23.22 -22.06 2.74
N ARG A 63 -23.47 -22.65 1.57
CA ARG A 63 -23.53 -24.10 1.30
C ARG A 63 -22.60 -24.45 0.15
N PRO A 64 -21.93 -25.63 0.19
CA PRO A 64 -20.91 -25.99 -0.79
C PRO A 64 -21.36 -26.36 -2.22
N GLY A 65 -22.60 -26.82 -2.42
CA GLY A 65 -23.04 -27.28 -3.76
C GLY A 65 -22.63 -28.72 -4.10
N GLY A 66 -22.12 -29.45 -3.12
CA GLY A 66 -21.64 -30.82 -3.31
C GLY A 66 -20.62 -31.14 -2.24
N TYR A 67 -19.89 -32.24 -2.45
CA TYR A 67 -18.97 -32.83 -1.46
C TYR A 67 -17.59 -32.98 -2.12
N THR A 68 -16.55 -32.55 -1.39
CA THR A 68 -15.12 -32.65 -1.78
C THR A 68 -14.37 -33.33 -0.65
N ALA A 69 -14.01 -34.60 -0.85
CA ALA A 69 -13.29 -35.43 0.15
C ALA A 69 -11.92 -34.79 0.47
N GLY A 70 -11.49 -34.84 1.73
CA GLY A 70 -10.14 -34.41 2.15
C GLY A 70 -9.90 -32.88 2.16
N ILE A 71 -10.91 -32.01 2.03
CA ILE A 71 -10.70 -30.52 2.00
C ILE A 71 -11.65 -29.86 2.99
N GLU A 72 -11.22 -28.83 3.75
CA GLU A 72 -12.18 -28.09 4.65
C GLU A 72 -13.00 -27.11 3.79
N TYR A 73 -14.33 -27.24 3.73
CA TYR A 73 -15.26 -26.18 3.24
C TYR A 73 -15.58 -25.17 4.37
N VAL A 74 -15.41 -23.90 4.03
CA VAL A 74 -15.59 -22.75 4.97
C VAL A 74 -16.80 -22.01 4.43
N PRO A 75 -17.95 -22.13 5.14
CA PRO A 75 -19.14 -21.35 4.80
C PRO A 75 -18.96 -19.82 4.92
N MET A 76 -19.66 -19.07 4.07
CA MET A 76 -19.64 -17.58 4.06
C MET A 76 -21.03 -17.00 4.24
N LEU A 77 -21.15 -16.03 5.16
CA LEU A 77 -22.28 -15.07 5.22
C LEU A 77 -21.97 -13.86 4.34
N TRP A 78 -22.46 -13.86 3.10
CA TRP A 78 -22.02 -12.91 2.05
C TRP A 78 -22.45 -11.49 2.41
N GLY A 79 -23.68 -11.38 2.92
CA GLY A 79 -24.32 -10.07 3.08
C GLY A 79 -25.72 -10.24 3.63
N PRO A 80 -26.47 -9.13 3.75
CA PRO A 80 -27.84 -9.19 4.27
C PRO A 80 -28.79 -10.16 3.57
N ARG A 81 -28.58 -10.44 2.29
CA ARG A 81 -29.40 -11.42 1.54
C ARG A 81 -29.35 -12.81 2.20
N GLY A 82 -28.31 -13.16 2.95
CA GLY A 82 -28.19 -14.45 3.62
C GLY A 82 -28.68 -14.55 5.06
N TYR A 83 -29.25 -13.49 5.64
CA TYR A 83 -29.56 -13.45 7.12
C TYR A 83 -30.53 -14.58 7.51
N GLY A 84 -31.58 -14.81 6.70
CA GLY A 84 -32.71 -15.74 6.95
C GLY A 84 -32.30 -17.21 7.16
N SER A 85 -31.38 -17.72 6.36
CA SER A 85 -30.96 -19.14 6.40
C SER A 85 -29.65 -19.33 7.18
N TRP A 86 -28.98 -18.25 7.64
CA TRP A 86 -27.57 -18.34 8.13
C TRP A 86 -27.46 -19.31 9.33
N ASN A 87 -28.37 -19.25 10.31
CA ASN A 87 -28.33 -20.13 11.52
C ASN A 87 -28.31 -21.58 11.03
N ALA A 88 -29.14 -21.91 10.07
CA ALA A 88 -29.24 -23.27 9.50
C ALA A 88 -27.92 -23.59 8.80
N ASP A 89 -27.50 -22.68 7.90
CA ASP A 89 -26.26 -22.82 7.09
C ASP A 89 -25.06 -23.00 8.03
N ALA A 90 -25.00 -22.25 9.12
CA ALA A 90 -23.80 -22.29 9.98
C ALA A 90 -23.80 -23.63 10.72
N GLU A 91 -24.97 -24.07 11.23
CA GLU A 91 -25.08 -25.40 11.94
C GLU A 91 -24.63 -26.54 10.99
N ALA A 92 -25.13 -26.58 9.77
CA ALA A 92 -24.80 -27.61 8.76
C ALA A 92 -23.27 -27.66 8.52
N GLY A 93 -22.60 -26.53 8.27
CA GLY A 93 -21.18 -26.54 7.88
C GLY A 93 -20.27 -27.01 9.00
N ILE A 94 -20.64 -26.70 10.25
CA ILE A 94 -19.89 -27.07 11.49
C ILE A 94 -20.11 -28.57 11.71
N ALA A 95 -21.35 -29.08 11.57
CA ALA A 95 -21.64 -30.54 11.64
C ALA A 95 -20.80 -31.31 10.63
N ALA A 96 -20.45 -30.72 9.49
CA ALA A 96 -19.60 -31.38 8.47
C ALA A 96 -18.11 -31.14 8.79
N GLY A 97 -17.78 -30.52 9.91
CA GLY A 97 -16.40 -30.48 10.44
C GLY A 97 -15.63 -29.20 10.09
N SER A 98 -16.26 -28.14 9.55
CA SER A 98 -15.57 -26.84 9.41
C SER A 98 -15.32 -26.27 10.79
N LYS A 99 -14.15 -25.67 10.93
CA LYS A 99 -13.58 -25.04 12.15
C LYS A 99 -13.65 -23.53 11.99
N ASN A 100 -14.12 -23.01 10.84
CA ASN A 100 -14.07 -21.58 10.47
C ASN A 100 -15.33 -21.13 9.73
N LEU A 101 -15.71 -19.86 9.94
CA LEU A 101 -16.82 -19.18 9.23
C LEU A 101 -16.31 -17.84 8.72
N LEU A 102 -16.79 -17.40 7.56
CA LEU A 102 -16.41 -16.10 6.94
C LEU A 102 -17.60 -15.13 6.93
N ALA A 103 -17.37 -13.84 7.29
CA ALA A 103 -18.41 -12.79 7.22
C ALA A 103 -18.38 -12.11 5.86
N PHE A 104 -18.95 -10.92 5.76
CA PHE A 104 -19.48 -10.31 4.51
C PHE A 104 -18.38 -10.04 3.45
N ASN A 105 -18.79 -10.04 2.19
CA ASN A 105 -17.86 -9.97 1.03
C ASN A 105 -17.86 -8.55 0.47
N GLU A 106 -16.72 -7.83 0.59
CA GLU A 106 -16.54 -6.46 0.11
C GLU A 106 -17.71 -5.56 0.43
N PRO A 107 -18.00 -5.37 1.73
CA PRO A 107 -18.98 -4.38 2.16
C PRO A 107 -18.59 -2.93 1.79
N ASP A 108 -17.31 -2.64 1.53
CA ASP A 108 -16.84 -1.29 1.14
C ASP A 108 -17.17 -0.99 -0.32
N ILE A 109 -17.71 -1.94 -1.08
CA ILE A 109 -17.86 -1.81 -2.56
C ILE A 109 -19.36 -1.84 -2.85
N ALA A 110 -19.86 -0.88 -3.63
CA ALA A 110 -21.33 -0.75 -3.84
C ALA A 110 -21.91 -1.92 -4.68
N SER A 111 -21.15 -2.58 -5.57
CA SER A 111 -21.61 -3.72 -6.38
C SER A 111 -21.47 -5.06 -5.65
N GLN A 112 -20.94 -5.06 -4.41
CA GLN A 112 -20.82 -6.27 -3.55
C GLN A 112 -21.73 -6.07 -2.34
N ALA A 113 -21.34 -6.46 -1.12
CA ALA A 113 -22.26 -6.43 0.06
C ALA A 113 -22.75 -5.01 0.36
N ASN A 114 -21.98 -3.93 0.11
CA ASN A 114 -22.48 -2.53 0.14
C ASN A 114 -23.09 -2.18 1.50
N MET A 115 -22.35 -2.36 2.57
CA MET A 115 -22.73 -2.05 3.96
C MET A 115 -21.81 -0.94 4.53
N SER A 116 -22.36 -0.01 5.30
CA SER A 116 -21.59 0.94 6.13
C SER A 116 -20.86 0.15 7.22
N PRO A 117 -19.72 0.66 7.75
CA PRO A 117 -19.05 0.03 8.90
C PRO A 117 -19.96 -0.14 10.14
N GLU A 118 -20.81 0.85 10.36
CA GLU A 118 -21.78 0.87 11.51
C GLU A 118 -22.76 -0.32 11.39
N ALA A 119 -23.38 -0.48 10.18
CA ALA A 119 -24.39 -1.55 9.91
C ALA A 119 -23.67 -2.88 10.01
N ALA A 120 -22.43 -2.98 9.50
CA ALA A 120 -21.72 -4.27 9.50
C ALA A 120 -21.34 -4.70 10.93
N ALA A 121 -21.02 -3.74 11.78
CA ALA A 121 -20.61 -4.05 13.18
C ALA A 121 -21.81 -4.63 13.92
N ALA A 122 -23.00 -4.05 13.71
CA ALA A 122 -24.27 -4.50 14.33
C ALA A 122 -24.63 -5.89 13.79
N ALA A 123 -24.59 -6.08 12.48
CA ALA A 123 -24.82 -7.42 11.87
C ALA A 123 -23.78 -8.46 12.36
N TYR A 124 -22.48 -8.12 12.42
CA TYR A 124 -21.44 -9.12 12.85
C TYR A 124 -21.81 -9.63 14.26
N GLN A 125 -22.18 -8.73 15.16
CA GLN A 125 -22.47 -9.12 16.57
C GLN A 125 -23.73 -10.01 16.60
N LYS A 126 -24.72 -9.81 15.72
CA LYS A 126 -25.99 -10.61 15.68
C LYS A 126 -25.80 -12.01 15.05
N TYR A 127 -25.04 -12.13 13.94
CA TYR A 127 -24.96 -13.36 13.11
C TYR A 127 -23.62 -14.13 13.24
N MET A 128 -22.50 -13.47 13.55
CA MET A 128 -21.18 -14.13 13.70
C MET A 128 -20.89 -14.48 15.17
N ASN A 129 -20.89 -13.51 16.10
CA ASN A 129 -20.56 -13.75 17.52
C ASN A 129 -21.25 -14.97 18.12
N PRO A 130 -22.52 -15.31 17.81
CA PRO A 130 -23.17 -16.48 18.45
C PRO A 130 -22.49 -17.83 18.18
N TYR A 131 -21.65 -17.95 17.18
CA TYR A 131 -21.03 -19.25 16.85
C TYR A 131 -19.57 -19.35 17.37
N ALA A 132 -19.04 -18.35 18.11
CA ALA A 132 -17.63 -18.23 18.51
C ALA A 132 -17.15 -19.45 19.33
N ALA A 133 -18.03 -20.12 20.11
CA ALA A 133 -17.67 -21.26 20.99
C ALA A 133 -17.40 -22.50 20.14
N ARG A 134 -17.78 -22.46 18.85
CA ARG A 134 -17.84 -23.65 17.98
C ARG A 134 -17.15 -23.42 16.63
N ALA A 135 -16.54 -22.25 16.41
CA ALA A 135 -15.84 -21.90 15.17
C ALA A 135 -15.00 -20.64 15.39
N ARG A 136 -13.91 -20.56 14.66
CA ARG A 136 -13.12 -19.32 14.52
C ARG A 136 -13.80 -18.48 13.42
N LEU A 137 -13.84 -17.18 13.64
CA LEU A 137 -14.69 -16.21 12.89
C LEU A 137 -13.76 -15.26 12.13
N GLY A 138 -14.05 -15.10 10.85
CA GLY A 138 -13.34 -14.18 9.95
C GLY A 138 -14.08 -12.89 9.74
N SER A 139 -13.36 -11.74 9.80
CA SER A 139 -13.86 -10.38 9.53
C SER A 139 -14.57 -10.35 8.19
N PRO A 140 -15.39 -9.33 7.93
CA PRO A 140 -15.75 -8.99 6.56
C PRO A 140 -14.46 -8.78 5.77
N ALA A 141 -14.49 -9.19 4.51
CA ALA A 141 -13.31 -9.19 3.61
C ALA A 141 -13.37 -7.87 2.83
N VAL A 142 -12.45 -6.96 3.05
CA VAL A 142 -12.42 -5.65 2.33
C VAL A 142 -11.63 -5.76 1.02
N SER A 143 -11.92 -4.90 0.03
CA SER A 143 -11.09 -4.70 -1.20
C SER A 143 -9.72 -4.09 -0.86
N ASN A 144 -8.89 -3.87 -1.91
CA ASN A 144 -7.68 -3.02 -1.79
C ASN A 144 -7.95 -1.59 -2.25
N GLY A 145 -9.20 -1.13 -2.30
CA GLY A 145 -9.51 0.28 -2.62
C GLY A 145 -8.88 1.24 -1.61
N ALA A 146 -8.70 2.48 -2.05
CA ALA A 146 -8.15 3.59 -1.20
C ALA A 146 -9.10 3.94 -0.07
N PRO A 147 -8.52 4.13 1.15
CA PRO A 147 -9.27 4.65 2.28
C PRO A 147 -10.03 5.85 1.75
N PRO A 148 -11.33 5.99 2.02
CA PRO A 148 -12.03 5.19 3.04
C PRO A 148 -12.67 3.84 2.61
N LYS A 149 -12.37 3.32 1.42
CA LYS A 149 -12.59 1.87 1.13
C LYS A 149 -11.51 1.05 1.83
N GLY A 150 -11.51 -0.24 1.54
CA GLY A 150 -10.38 -1.14 1.86
C GLY A 150 -10.11 -1.15 3.35
N LEU A 151 -8.84 -0.96 3.69
CA LEU A 151 -8.35 -1.07 5.09
C LEU A 151 -8.83 0.17 5.89
N GLY A 152 -9.26 1.25 5.21
CA GLY A 152 -9.94 2.40 5.83
C GLY A 152 -11.31 1.95 6.37
N TRP A 153 -12.05 1.19 5.57
CA TRP A 153 -13.39 0.65 5.91
C TRP A 153 -13.16 -0.26 7.12
N MET A 154 -12.10 -1.04 7.10
CA MET A 154 -11.86 -2.04 8.18
C MET A 154 -11.53 -1.31 9.48
N GLN A 155 -10.81 -0.16 9.44
CA GLN A 155 -10.62 0.71 10.65
C GLN A 155 -11.99 1.15 11.17
N GLY A 156 -12.86 1.66 10.29
CA GLY A 156 -14.22 2.12 10.64
C GLY A 156 -15.02 1.03 11.33
N PHE A 157 -14.92 -0.19 10.82
CA PHE A 157 -15.63 -1.36 11.34
C PHE A 157 -15.10 -1.70 12.72
N LEU A 158 -13.79 -1.86 12.89
CA LEU A 158 -13.22 -2.10 14.25
C LEU A 158 -13.57 -0.98 15.25
N ASP A 159 -13.68 0.30 14.81
CA ASP A 159 -14.09 1.44 15.68
C ASP A 159 -15.51 1.18 16.21
N VAL A 160 -16.46 0.84 15.34
CA VAL A 160 -17.89 0.71 15.76
C VAL A 160 -18.09 -0.58 16.55
N CYS A 161 -17.40 -1.65 16.15
CA CYS A 161 -17.27 -2.89 16.96
C CYS A 161 -16.86 -2.57 18.41
N ALA A 162 -15.83 -1.70 18.61
CA ALA A 162 -15.46 -1.11 19.94
C ALA A 162 -15.24 -2.25 20.94
N GLY A 163 -14.52 -3.30 20.50
CA GLY A 163 -14.18 -4.47 21.34
C GLY A 163 -15.28 -5.51 21.45
N ASN A 164 -16.47 -5.35 20.83
CA ASN A 164 -17.64 -6.23 21.03
C ASN A 164 -17.86 -7.17 19.82
N CYS A 165 -16.95 -7.17 18.84
CA CYS A 165 -16.96 -8.14 17.72
C CYS A 165 -15.92 -9.22 18.05
N LYS A 166 -16.29 -10.52 18.06
CA LYS A 166 -15.33 -11.66 18.26
C LYS A 166 -14.74 -12.06 16.91
N ILE A 167 -13.46 -11.70 16.70
CA ILE A 167 -12.74 -11.85 15.39
C ILE A 167 -11.45 -12.65 15.62
N ASP A 168 -11.29 -13.82 14.98
CA ASP A 168 -10.10 -14.68 15.04
C ASP A 168 -9.14 -14.30 13.91
N PHE A 169 -9.59 -13.76 12.76
CA PHE A 169 -8.63 -13.43 11.69
C PHE A 169 -9.25 -12.37 10.80
N LEU A 170 -8.43 -11.55 10.16
CA LEU A 170 -8.97 -10.54 9.21
C LEU A 170 -8.99 -11.19 7.84
N ALA A 171 -10.03 -10.93 7.05
CA ALA A 171 -10.08 -11.41 5.65
C ALA A 171 -9.90 -10.20 4.74
N VAL A 172 -8.96 -10.25 3.78
CA VAL A 172 -8.62 -9.12 2.87
C VAL A 172 -8.44 -9.62 1.41
N HIS A 173 -8.60 -8.71 0.44
CA HIS A 173 -8.50 -8.95 -1.03
C HIS A 173 -7.53 -7.96 -1.69
N TRP A 174 -6.82 -8.39 -2.71
CA TRP A 174 -5.98 -7.47 -3.52
C TRP A 174 -6.13 -7.88 -4.98
N HIS A 175 -6.50 -6.92 -5.81
CA HIS A 175 -6.60 -7.12 -7.28
C HIS A 175 -5.87 -5.92 -7.92
N GLY A 176 -4.93 -6.18 -8.81
CA GLY A 176 -4.15 -5.11 -9.46
C GLY A 176 -3.19 -5.69 -10.49
N PRO A 177 -2.55 -4.81 -11.27
CA PRO A 177 -1.61 -5.20 -12.31
C PRO A 177 -0.48 -5.98 -11.66
N SER A 178 -0.06 -7.05 -12.34
CA SER A 178 1.03 -7.97 -11.91
C SER A 178 2.34 -7.22 -11.63
N GLY A 179 2.58 -6.11 -12.32
CA GLY A 179 3.78 -5.27 -12.08
C GLY A 179 3.80 -4.60 -10.71
N ASN A 180 2.65 -4.50 -10.01
CA ASN A 180 2.55 -3.81 -8.70
C ASN A 180 2.72 -4.81 -7.54
N VAL A 181 3.56 -5.82 -7.69
CA VAL A 181 3.89 -6.83 -6.63
C VAL A 181 4.26 -6.13 -5.31
N ASP A 182 5.05 -5.06 -5.37
CA ASP A 182 5.45 -4.28 -4.17
C ASP A 182 4.20 -3.71 -3.45
N ASP A 183 3.21 -3.19 -4.17
CA ASP A 183 1.95 -2.68 -3.57
C ASP A 183 1.19 -3.82 -2.87
N PHE A 184 1.13 -4.99 -3.50
CA PHE A 184 0.49 -6.21 -2.95
C PHE A 184 1.21 -6.60 -1.65
N LYS A 185 2.54 -6.56 -1.57
CA LYS A 185 3.25 -6.91 -0.31
C LYS A 185 3.07 -5.81 0.75
N ARG A 186 3.03 -4.55 0.37
CA ARG A 186 2.73 -3.48 1.34
C ARG A 186 1.30 -3.68 1.92
N TYR A 187 0.33 -3.88 1.06
CA TYR A 187 -1.09 -4.12 1.48
C TYR A 187 -1.19 -5.29 2.48
N VAL A 188 -0.65 -6.47 2.19
CA VAL A 188 -0.72 -7.66 3.09
C VAL A 188 -0.01 -7.36 4.42
N SER A 189 1.17 -6.75 4.39
CA SER A 189 1.89 -6.29 5.62
C SER A 189 1.05 -5.35 6.50
N GLU A 190 0.39 -4.36 5.90
CA GLU A 190 -0.40 -3.34 6.60
C GLU A 190 -1.66 -4.03 7.17
N ALA A 191 -2.19 -5.05 6.49
CA ALA A 191 -3.35 -5.77 7.03
C ALA A 191 -2.90 -6.50 8.31
N ILE A 192 -1.74 -7.14 8.25
CA ILE A 192 -1.20 -7.94 9.40
C ILE A 192 -1.00 -7.02 10.62
N ALA A 193 -0.46 -5.82 10.38
CA ALA A 193 -0.21 -4.82 11.44
C ALA A 193 -1.54 -4.38 12.05
N LEU A 194 -2.55 -4.09 11.22
CA LEU A 194 -3.87 -3.61 11.70
C LEU A 194 -4.50 -4.66 12.65
N GLY A 195 -4.48 -5.92 12.25
CA GLY A 195 -5.00 -7.00 13.13
C GLY A 195 -4.27 -7.00 14.47
N GLN A 196 -2.94 -7.05 14.44
CA GLN A 196 -2.06 -7.07 15.64
C GLN A 196 -2.39 -5.87 16.56
N LYS A 197 -2.65 -4.71 15.96
CA LYS A 197 -3.06 -3.52 16.73
C LYS A 197 -4.30 -3.84 17.54
N TYR A 198 -5.23 -4.68 17.05
CA TYR A 198 -6.51 -4.99 17.74
C TYR A 198 -6.49 -6.44 18.25
N GLY A 199 -5.31 -7.02 18.47
CA GLY A 199 -5.09 -8.40 19.00
C GLY A 199 -5.67 -9.54 18.15
N ILE A 200 -5.78 -9.36 16.82
CA ILE A 200 -6.18 -10.39 15.81
C ILE A 200 -4.88 -10.86 15.18
N GLY A 201 -4.51 -12.11 15.45
CA GLY A 201 -3.13 -12.59 15.25
C GLY A 201 -2.80 -12.99 13.82
N THR A 202 -3.76 -13.12 12.89
CA THR A 202 -3.45 -13.53 11.49
C THR A 202 -4.45 -12.95 10.49
N VAL A 203 -4.05 -13.00 9.21
CA VAL A 203 -4.92 -12.65 8.08
C VAL A 203 -5.09 -13.86 7.14
N TRP A 204 -6.23 -13.91 6.47
CA TRP A 204 -6.46 -14.77 5.28
C TRP A 204 -6.63 -13.79 4.10
N VAL A 205 -5.82 -13.93 3.06
CA VAL A 205 -6.00 -13.20 1.75
C VAL A 205 -6.95 -14.06 0.89
N THR A 206 -8.27 -13.89 1.03
CA THR A 206 -9.29 -14.80 0.47
C THR A 206 -9.53 -14.50 -1.01
N GLU A 207 -9.01 -13.39 -1.54
CA GLU A 207 -8.80 -13.24 -3.01
C GLU A 207 -7.49 -12.48 -3.27
N PHE A 208 -6.68 -12.93 -4.22
CA PHE A 208 -5.69 -12.03 -4.88
C PHE A 208 -5.57 -12.41 -6.36
N GLU A 209 -5.28 -11.40 -7.14
CA GLU A 209 -5.26 -11.47 -8.61
C GLU A 209 -4.17 -10.48 -9.10
N GLY A 210 -3.03 -11.02 -9.53
CA GLY A 210 -2.00 -10.23 -10.25
C GLY A 210 -2.35 -10.23 -11.72
N GLN A 211 -2.88 -9.13 -12.22
CA GLN A 211 -3.61 -9.05 -13.51
C GLN A 211 -2.64 -8.87 -14.68
N GLY A 212 -2.99 -9.36 -15.87
CA GLY A 212 -2.17 -9.21 -17.09
C GLY A 212 -2.35 -10.45 -17.93
N ASP A 213 -1.48 -10.68 -18.91
CA ASP A 213 -1.55 -11.90 -19.75
C ASP A 213 -0.98 -13.08 -18.96
N GLU A 214 -0.95 -14.27 -19.56
CA GLU A 214 -0.57 -15.51 -18.85
C GLU A 214 0.89 -15.43 -18.37
N GLU A 215 1.83 -14.95 -19.19
CA GLU A 215 3.25 -14.87 -18.74
C GLU A 215 3.31 -13.95 -17.49
N ALA A 216 2.61 -12.80 -17.49
CA ALA A 216 2.64 -11.86 -16.35
C ALA A 216 2.01 -12.53 -15.13
N GLN A 217 0.93 -13.29 -15.34
CA GLN A 217 0.17 -13.90 -14.22
C GLN A 217 1.06 -14.96 -13.56
N VAL A 218 1.80 -15.74 -14.33
CA VAL A 218 2.71 -16.81 -13.80
C VAL A 218 3.91 -16.16 -13.08
N ASN A 219 4.56 -15.17 -13.70
CA ASN A 219 5.61 -14.35 -13.04
C ASN A 219 5.09 -13.86 -11.67
N PHE A 220 3.84 -13.39 -11.56
CA PHE A 220 3.31 -12.85 -10.27
C PHE A 220 3.24 -13.98 -9.23
N LEU A 221 2.70 -15.13 -9.60
CA LEU A 221 2.63 -16.33 -8.70
C LEU A 221 4.04 -16.80 -8.29
N LYS A 222 5.01 -16.77 -9.21
CA LYS A 222 6.38 -17.24 -8.96
C LYS A 222 6.97 -16.39 -7.83
N GLU A 223 6.71 -15.07 -7.85
CA GLU A 223 7.12 -14.19 -6.72
C GLU A 223 6.28 -14.39 -5.45
N VAL A 224 4.98 -14.17 -5.48
CA VAL A 224 4.18 -14.04 -4.22
C VAL A 224 3.91 -15.38 -3.50
N LEU A 225 3.82 -16.51 -4.19
CA LEU A 225 3.38 -17.77 -3.50
C LEU A 225 4.45 -18.13 -2.46
N PRO A 226 5.76 -18.10 -2.77
CA PRO A 226 6.73 -18.50 -1.75
C PRO A 226 6.72 -17.46 -0.62
N TRP A 227 6.47 -16.19 -0.96
CA TRP A 227 6.53 -15.07 0.01
C TRP A 227 5.36 -15.23 1.01
N LEU A 228 4.21 -15.69 0.51
CA LEU A 228 2.99 -15.90 1.37
C LEU A 228 3.19 -17.15 2.21
N ASP A 229 3.86 -18.16 1.66
CA ASP A 229 4.12 -19.42 2.40
C ASP A 229 5.09 -19.16 3.55
N SER A 230 6.09 -18.30 3.37
CA SER A 230 7.07 -17.90 4.42
C SER A 230 6.52 -16.86 5.39
N ASN A 231 5.46 -16.13 5.04
CA ASN A 231 4.98 -15.02 5.89
C ASN A 231 4.19 -15.58 7.10
N ALA A 232 4.70 -15.37 8.31
CA ALA A 232 4.10 -15.93 9.56
C ALA A 232 2.76 -15.28 9.88
N GLY A 233 2.47 -14.09 9.31
CA GLY A 233 1.21 -13.35 9.58
C GLY A 233 0.02 -13.81 8.69
N VAL A 234 0.30 -14.63 7.66
CA VAL A 234 -0.74 -15.14 6.73
C VAL A 234 -1.03 -16.60 7.06
N GLU A 235 -2.22 -16.89 7.54
CA GLU A 235 -2.66 -18.29 7.88
C GLU A 235 -3.12 -19.02 6.61
N ARG A 236 -3.85 -18.33 5.72
CA ARG A 236 -4.47 -18.95 4.51
C ARG A 236 -4.55 -17.92 3.37
N TYR A 237 -4.64 -18.39 2.14
CA TYR A 237 -4.84 -17.50 0.97
C TYR A 237 -5.47 -18.34 -0.13
N ALA A 238 -6.04 -17.67 -1.14
CA ALA A 238 -6.65 -18.24 -2.37
C ALA A 238 -6.45 -17.22 -3.50
N SER A 239 -5.71 -17.62 -4.53
CA SER A 239 -5.70 -16.92 -5.83
C SER A 239 -7.14 -16.88 -6.36
N PHE A 240 -7.45 -15.87 -7.16
CA PHE A 240 -8.79 -15.61 -7.75
C PHE A 240 -8.72 -15.95 -9.23
N PHE A 241 -9.34 -17.07 -9.62
CA PHE A 241 -10.06 -18.02 -8.77
C PHE A 241 -10.24 -19.28 -9.62
N VAL A 242 -10.59 -20.43 -9.02
CA VAL A 242 -10.58 -21.78 -9.67
C VAL A 242 -11.14 -21.73 -11.11
N ASP A 243 -12.32 -21.15 -11.29
CA ASP A 243 -13.07 -21.26 -12.57
C ASP A 243 -12.29 -20.51 -13.67
N ASN A 244 -11.39 -19.55 -13.36
CA ASN A 244 -10.60 -18.85 -14.42
C ASN A 244 -9.25 -19.53 -14.70
N LEU A 245 -8.88 -20.48 -13.86
CA LEU A 245 -7.60 -21.22 -13.95
C LEU A 245 -7.80 -22.56 -14.71
N VAL A 246 -9.02 -22.83 -15.16
CA VAL A 246 -9.38 -24.11 -15.86
C VAL A 246 -10.08 -23.76 -17.18
N LYS A 247 -9.65 -24.41 -18.28
CA LYS A 247 -10.23 -24.31 -19.65
C LYS A 247 -10.66 -25.70 -20.12
N GLY A 248 -11.95 -25.85 -20.46
CA GLY A 248 -12.61 -27.17 -20.46
C GLY A 248 -12.54 -27.75 -19.07
N GLY A 249 -11.78 -28.85 -18.91
CA GLY A 249 -11.38 -29.46 -17.63
C GLY A 249 -9.86 -29.57 -17.52
N ALA A 250 -9.13 -28.70 -18.23
CA ALA A 250 -7.65 -28.62 -18.21
C ALA A 250 -7.21 -27.36 -17.47
N LEU A 251 -6.26 -27.47 -16.54
CA LEU A 251 -5.51 -26.32 -15.96
C LEU A 251 -4.93 -25.47 -17.10
N THR A 252 -5.07 -24.15 -17.02
CA THR A 252 -4.27 -23.22 -17.86
C THR A 252 -2.83 -23.34 -17.40
N SER A 253 -1.91 -22.60 -18.02
CA SER A 253 -0.52 -22.45 -17.50
C SER A 253 -0.52 -21.71 -16.13
N VAL A 254 -1.54 -20.89 -15.86
CA VAL A 254 -1.66 -20.17 -14.55
C VAL A 254 -2.11 -21.19 -13.47
N GLY A 255 -3.11 -22.02 -13.76
CA GLY A 255 -3.59 -23.08 -12.86
C GLY A 255 -2.48 -24.07 -12.52
N LYS A 256 -1.71 -24.47 -13.54
CA LYS A 256 -0.53 -25.38 -13.40
C LYS A 256 0.47 -24.76 -12.40
N ALA A 257 0.79 -23.47 -12.57
CA ALA A 257 1.67 -22.72 -11.63
C ALA A 257 1.03 -22.71 -10.22
N TYR A 258 -0.28 -22.47 -10.12
CA TYR A 258 -0.91 -22.40 -8.77
C TYR A 258 -0.81 -23.78 -8.10
N LYS A 259 -0.83 -24.85 -8.90
CA LYS A 259 -0.69 -26.21 -8.35
C LYS A 259 0.75 -26.47 -7.89
N THR A 260 1.78 -26.08 -8.66
CA THR A 260 3.12 -26.73 -8.58
C THR A 260 4.16 -25.89 -7.83
N ILE A 261 4.05 -24.54 -7.85
CA ILE A 261 4.99 -23.61 -7.17
C ILE A 261 4.91 -23.91 -5.66
N ASN B 30 3.47 35.31 4.96
CA ASN B 30 3.18 34.12 5.85
C ASN B 30 4.11 32.97 5.45
N PRO B 31 5.38 33.01 5.90
CA PRO B 31 6.38 32.06 5.43
C PRO B 31 6.33 30.74 6.22
N GLY B 32 5.73 30.78 7.42
CA GLY B 32 5.74 29.67 8.37
C GLY B 32 7.16 29.16 8.54
N SER B 33 7.36 27.83 8.58
CA SER B 33 8.68 27.19 8.89
C SER B 33 9.66 27.36 7.73
N GLY B 34 9.17 27.61 6.52
CA GLY B 34 10.00 27.62 5.29
C GLY B 34 10.21 26.22 4.69
N LYS B 35 9.71 25.17 5.37
CA LYS B 35 9.94 23.76 4.99
C LYS B 35 8.89 23.25 3.98
N ARG B 36 7.67 23.82 3.96
CA ARG B 36 6.49 23.11 3.38
C ARG B 36 6.53 23.25 1.86
N GLY B 37 6.30 22.13 1.12
CA GLY B 37 6.36 22.12 -0.35
C GLY B 37 5.09 21.66 -1.06
N LEU B 38 5.05 21.97 -2.36
CA LEU B 38 3.96 21.69 -3.32
C LEU B 38 4.40 20.67 -4.36
N ALA B 39 3.98 19.42 -4.14
CA ALA B 39 4.18 18.23 -5.03
C ALA B 39 3.00 18.14 -6.00
N TYR B 40 3.23 18.37 -7.30
CA TYR B 40 2.11 18.58 -8.26
C TYR B 40 2.27 17.76 -9.56
N ASN B 41 1.14 17.49 -10.24
CA ASN B 41 1.14 17.11 -11.68
C ASN B 41 0.62 18.30 -12.50
N ASN B 42 -0.56 18.82 -12.19
CA ASN B 42 -1.18 19.95 -12.91
C ASN B 42 -0.74 21.27 -12.26
N ILE B 43 0.10 22.05 -12.97
CA ILE B 43 0.74 23.32 -12.47
C ILE B 43 -0.38 24.33 -12.14
N ASN B 44 -1.55 24.23 -12.79
CA ASN B 44 -2.63 25.25 -12.61
C ASN B 44 -3.28 25.08 -11.23
N LEU B 45 -3.12 23.93 -10.57
CA LEU B 45 -3.78 23.71 -9.26
C LEU B 45 -2.92 24.28 -8.12
N LEU B 46 -1.70 24.82 -8.40
CA LEU B 46 -0.90 25.57 -7.38
C LEU B 46 -1.59 26.91 -6.99
N THR B 47 -2.44 27.48 -7.87
CA THR B 47 -3.18 28.76 -7.60
C THR B 47 -3.93 28.66 -6.27
N ALA B 48 -4.56 27.54 -5.96
CA ALA B 48 -5.37 27.42 -4.73
C ALA B 48 -4.50 27.67 -3.49
N PHE B 49 -3.18 27.56 -3.60
CA PHE B 49 -2.25 27.56 -2.43
C PHE B 49 -1.48 28.85 -2.32
N GLU B 50 -1.74 29.80 -3.22
CA GLU B 50 -1.13 31.15 -3.19
C GLU B 50 -1.37 31.74 -1.80
N GLY B 51 -0.35 32.39 -1.25
CA GLY B 51 -0.42 33.06 0.05
C GLY B 51 -0.09 32.15 1.20
N GLY B 52 -0.17 30.83 1.03
CA GLY B 52 0.20 29.89 2.11
C GLY B 52 1.71 29.83 2.38
N PRO B 53 2.12 29.07 3.40
CA PRO B 53 3.52 28.97 3.79
C PRO B 53 4.36 27.94 3.03
N PHE B 54 4.56 28.18 1.73
CA PHE B 54 5.21 27.25 0.76
C PHE B 54 6.48 27.90 0.23
N SER B 55 7.61 27.19 0.19
CA SER B 55 8.89 27.73 -0.31
C SER B 55 9.32 27.10 -1.64
N TRP B 56 8.75 25.93 -2.02
CA TRP B 56 9.33 25.09 -3.10
C TRP B 56 8.28 24.18 -3.71
N SER B 57 8.57 23.70 -4.90
CA SER B 57 7.71 22.76 -5.66
C SER B 57 8.54 21.74 -6.42
N TYR B 58 7.93 20.59 -6.70
CA TYR B 58 8.46 19.54 -7.63
C TYR B 58 7.27 18.73 -8.20
N ASN B 59 7.56 17.98 -9.25
CA ASN B 59 6.51 17.38 -10.12
C ASN B 59 6.94 16.00 -10.65
N TRP B 60 7.86 15.32 -9.96
CA TRP B 60 8.45 14.01 -10.35
C TRP B 60 8.99 14.01 -11.80
N GLU B 61 9.28 15.19 -12.37
CA GLU B 61 9.80 15.35 -13.75
C GLU B 61 11.05 16.22 -13.73
N PRO B 62 11.85 16.22 -14.82
CA PRO B 62 12.98 17.15 -14.93
C PRO B 62 12.67 18.60 -15.32
N ARG B 63 11.45 18.87 -15.77
CA ARG B 63 11.02 20.21 -16.24
C ARG B 63 9.71 20.60 -15.55
N PRO B 64 9.50 21.89 -15.20
CA PRO B 64 8.34 22.34 -14.43
C PRO B 64 6.96 22.31 -15.11
N GLY B 65 6.88 22.44 -16.43
CA GLY B 65 5.55 22.49 -17.11
C GLY B 65 4.89 23.88 -17.06
N GLY B 66 5.60 24.86 -16.54
CA GLY B 66 5.12 26.24 -16.42
C GLY B 66 5.99 27.02 -15.46
N TYR B 67 5.54 28.20 -15.06
CA TYR B 67 6.27 29.17 -14.21
C TYR B 67 5.42 29.39 -12.96
N THR B 68 6.02 29.28 -11.79
CA THR B 68 5.37 29.59 -10.49
C THR B 68 6.20 30.70 -9.82
N ALA B 69 5.66 31.91 -9.70
CA ALA B 69 6.45 33.08 -9.21
C ALA B 69 6.74 32.90 -7.70
N GLY B 70 7.96 33.14 -7.24
CA GLY B 70 8.26 33.24 -5.79
C GLY B 70 8.38 31.87 -5.14
N ILE B 71 8.47 30.79 -5.91
CA ILE B 71 8.49 29.39 -5.40
C ILE B 71 9.68 28.73 -6.10
N GLU B 72 10.61 28.13 -5.36
CA GLU B 72 11.74 27.39 -5.98
C GLU B 72 11.22 26.09 -6.60
N TYR B 73 11.32 25.88 -7.92
CA TYR B 73 11.14 24.54 -8.55
C TYR B 73 12.42 23.69 -8.44
N VAL B 74 12.26 22.42 -8.10
CA VAL B 74 13.36 21.44 -7.86
C VAL B 74 13.27 20.35 -8.94
N PRO B 75 14.14 20.36 -9.99
CA PRO B 75 14.15 19.31 -10.99
C PRO B 75 14.48 17.92 -10.40
N MET B 76 13.87 16.88 -10.98
CA MET B 76 14.05 15.45 -10.61
C MET B 76 14.54 14.63 -11.77
N LEU B 77 15.61 13.89 -11.56
CA LEU B 77 16.05 12.79 -12.46
C LEU B 77 15.37 11.52 -11.95
N TRP B 78 14.24 11.15 -12.58
CA TRP B 78 13.26 10.14 -12.11
C TRP B 78 13.89 8.76 -12.16
N GLY B 79 14.75 8.52 -13.18
CA GLY B 79 15.35 7.21 -13.42
C GLY B 79 15.91 7.10 -14.84
N PRO B 80 16.33 5.88 -15.27
CA PRO B 80 17.03 5.73 -16.55
C PRO B 80 16.37 6.40 -17.77
N ARG B 81 15.04 6.46 -17.84
CA ARG B 81 14.36 7.08 -19.01
C ARG B 81 14.76 8.55 -19.15
N GLY B 82 15.25 9.22 -18.09
CA GLY B 82 15.60 10.66 -18.15
C GLY B 82 17.05 10.97 -18.48
N TYR B 83 17.91 9.94 -18.57
CA TYR B 83 19.38 10.12 -18.73
C TYR B 83 19.67 10.97 -19.96
N GLY B 84 18.92 10.77 -21.03
CA GLY B 84 19.05 11.38 -22.38
C GLY B 84 18.90 12.89 -22.47
N SER B 85 18.17 13.51 -21.56
CA SER B 85 17.94 14.99 -21.57
C SER B 85 18.44 15.66 -20.27
N TRP B 86 18.99 14.89 -19.31
CA TRP B 86 19.17 15.40 -17.92
C TRP B 86 20.13 16.60 -17.90
N ASN B 87 21.23 16.53 -18.65
CA ASN B 87 22.28 17.58 -18.61
C ASN B 87 21.63 18.90 -19.10
N ALA B 88 20.75 18.88 -20.08
CA ALA B 88 20.08 20.14 -20.53
C ALA B 88 19.01 20.57 -19.49
N ASP B 89 18.26 19.61 -18.94
CA ASP B 89 17.15 19.87 -17.98
C ASP B 89 17.76 20.48 -16.71
N ALA B 90 18.81 19.88 -16.13
CA ALA B 90 19.43 20.37 -14.88
C ALA B 90 19.96 21.81 -15.10
N GLU B 91 20.72 22.05 -16.17
CA GLU B 91 21.22 23.39 -16.56
C GLU B 91 20.06 24.39 -16.65
N ALA B 92 18.94 24.05 -17.29
CA ALA B 92 17.84 25.03 -17.45
C ALA B 92 17.32 25.41 -16.08
N GLY B 93 17.25 24.42 -15.18
CA GLY B 93 16.62 24.67 -13.86
C GLY B 93 17.57 25.52 -13.02
N ILE B 94 18.86 25.20 -13.07
CA ILE B 94 19.89 25.99 -12.34
C ILE B 94 19.88 27.41 -12.89
N ALA B 95 19.85 27.57 -14.20
CA ALA B 95 19.91 28.90 -14.84
C ALA B 95 18.65 29.69 -14.48
N ALA B 96 17.55 29.01 -14.13
CA ALA B 96 16.30 29.65 -13.70
C ALA B 96 16.30 29.83 -12.16
N GLY B 97 17.40 29.59 -11.44
CA GLY B 97 17.41 29.87 -9.99
C GLY B 97 17.17 28.64 -9.12
N SER B 98 17.07 27.44 -9.66
CA SER B 98 17.03 26.20 -8.82
C SER B 98 18.37 26.07 -8.07
N LYS B 99 18.29 25.77 -6.79
CA LYS B 99 19.46 25.60 -5.88
C LYS B 99 19.58 24.14 -5.43
N ASN B 100 18.68 23.26 -5.89
CA ASN B 100 18.61 21.84 -5.46
C ASN B 100 18.25 20.96 -6.68
N LEU B 101 18.74 19.70 -6.69
CA LEU B 101 18.28 18.66 -7.67
C LEU B 101 17.97 17.35 -6.93
N LEU B 102 16.96 16.62 -7.40
CA LEU B 102 16.55 15.33 -6.80
C LEU B 102 16.89 14.15 -7.71
N ALA B 103 17.42 13.06 -7.15
CA ALA B 103 17.70 11.79 -7.88
C ALA B 103 16.44 10.89 -7.92
N PHE B 104 16.63 9.61 -8.23
CA PHE B 104 15.63 8.63 -8.78
C PHE B 104 14.45 8.40 -7.83
N ASN B 105 13.26 8.17 -8.39
CA ASN B 105 11.97 8.00 -7.65
C ASN B 105 11.73 6.51 -7.36
N GLU B 106 11.88 6.08 -6.10
CA GLU B 106 11.55 4.70 -5.64
C GLU B 106 12.23 3.63 -6.51
N PRO B 107 13.57 3.65 -6.52
CA PRO B 107 14.36 2.59 -7.17
C PRO B 107 14.17 1.22 -6.49
N ASP B 108 13.72 1.24 -5.24
CA ASP B 108 13.40 -0.01 -4.46
C ASP B 108 12.07 -0.63 -4.95
N ILE B 109 11.31 0.02 -5.84
CA ILE B 109 9.92 -0.41 -6.20
C ILE B 109 9.93 -0.81 -7.68
N ALA B 110 9.46 -2.02 -8.00
CA ALA B 110 9.52 -2.62 -9.36
C ALA B 110 8.65 -1.82 -10.38
N SER B 111 7.56 -1.19 -9.95
CA SER B 111 6.66 -0.36 -10.80
C SER B 111 7.12 1.11 -10.86
N GLN B 112 8.24 1.47 -10.20
CA GLN B 112 8.81 2.85 -10.29
C GLN B 112 10.21 2.75 -10.94
N ALA B 113 11.24 3.41 -10.42
CA ALA B 113 12.56 3.44 -11.10
C ALA B 113 13.19 2.04 -11.27
N ASN B 114 13.01 1.14 -10.28
CA ASN B 114 13.33 -0.29 -10.43
C ASN B 114 14.84 -0.45 -10.68
N MET B 115 15.71 -0.03 -9.73
CA MET B 115 17.20 -0.01 -9.90
C MET B 115 17.83 -0.73 -8.70
N SER B 116 18.83 -1.58 -8.94
CA SER B 116 19.70 -2.16 -7.87
C SER B 116 20.44 -1.01 -7.20
N PRO B 117 20.80 -1.15 -5.90
CA PRO B 117 21.61 -0.15 -5.22
C PRO B 117 22.94 0.11 -5.95
N GLU B 118 23.54 -0.95 -6.52
CA GLU B 118 24.82 -0.87 -7.29
C GLU B 118 24.58 0.05 -8.52
N ALA B 119 23.53 -0.19 -9.27
CA ALA B 119 23.28 0.54 -10.55
C ALA B 119 22.96 2.00 -10.22
N ALA B 120 22.24 2.22 -9.12
CA ALA B 120 21.90 3.59 -8.67
C ALA B 120 23.18 4.35 -8.25
N ALA B 121 24.12 3.73 -7.52
CA ALA B 121 25.37 4.38 -7.06
C ALA B 121 26.22 4.85 -8.27
N ALA B 122 26.32 4.01 -9.31
CA ALA B 122 27.08 4.34 -10.55
C ALA B 122 26.37 5.48 -11.30
N ALA B 123 25.04 5.42 -11.42
CA ALA B 123 24.28 6.48 -12.13
C ALA B 123 24.32 7.80 -11.33
N TYR B 124 24.23 7.73 -10.01
CA TYR B 124 24.31 8.97 -9.17
C TYR B 124 25.65 9.70 -9.44
N GLN B 125 26.76 8.96 -9.38
CA GLN B 125 28.11 9.55 -9.59
C GLN B 125 28.19 10.14 -11.00
N LYS B 126 27.63 9.47 -12.00
CA LYS B 126 27.72 9.95 -13.40
C LYS B 126 26.85 11.21 -13.64
N TYR B 127 25.60 11.24 -13.14
CA TYR B 127 24.56 12.25 -13.51
C TYR B 127 24.31 13.31 -12.41
N MET B 128 24.55 13.02 -11.15
CA MET B 128 24.32 14.02 -10.06
C MET B 128 25.62 14.76 -9.71
N ASN B 129 26.66 14.04 -9.29
CA ASN B 129 27.97 14.59 -8.83
C ASN B 129 28.38 15.82 -9.64
N PRO B 130 28.31 15.85 -10.99
CA PRO B 130 28.84 17.00 -11.75
C PRO B 130 28.20 18.37 -11.49
N TYR B 131 27.04 18.43 -10.85
CA TYR B 131 26.29 19.68 -10.60
C TYR B 131 26.57 20.22 -9.18
N ALA B 132 27.46 19.59 -8.39
CA ALA B 132 27.61 19.87 -6.95
C ALA B 132 28.15 21.31 -6.70
N ALA B 133 28.83 21.94 -7.65
CA ALA B 133 29.26 23.36 -7.55
C ALA B 133 28.10 24.36 -7.59
N ARG B 134 26.93 23.99 -8.15
CA ARG B 134 25.82 24.92 -8.49
C ARG B 134 24.48 24.42 -7.90
N ALA B 135 24.49 23.33 -7.12
CA ALA B 135 23.24 22.79 -6.56
C ALA B 135 23.57 21.84 -5.43
N ARG B 136 22.74 21.82 -4.40
CA ARG B 136 22.73 20.78 -3.37
C ARG B 136 21.95 19.57 -3.92
N LEU B 137 22.40 18.36 -3.61
CA LEU B 137 22.05 17.14 -4.38
C LEU B 137 21.34 16.18 -3.43
N GLY B 138 20.08 15.86 -3.73
CA GLY B 138 19.26 14.89 -2.98
C GLY B 138 19.46 13.45 -3.43
N SER B 139 19.57 12.50 -2.48
CA SER B 139 19.50 11.03 -2.72
C SER B 139 18.29 10.59 -3.54
N PRO B 140 18.38 9.39 -4.16
CA PRO B 140 17.19 8.68 -4.67
C PRO B 140 16.21 8.54 -3.49
N ALA B 141 14.91 8.66 -3.75
CA ALA B 141 13.84 8.62 -2.70
C ALA B 141 13.27 7.22 -2.57
N VAL B 142 13.43 6.59 -1.41
CA VAL B 142 12.90 5.21 -1.19
C VAL B 142 11.49 5.24 -0.56
N SER B 143 10.77 4.13 -0.71
CA SER B 143 9.42 3.81 -0.14
C SER B 143 9.60 3.55 1.34
N ASN B 144 8.53 3.32 2.10
CA ASN B 144 8.67 2.90 3.51
C ASN B 144 8.54 1.38 3.58
N GLY B 145 8.79 0.66 2.50
CA GLY B 145 8.88 -0.83 2.51
C GLY B 145 9.89 -1.37 3.53
N ALA B 146 9.62 -2.55 4.06
CA ALA B 146 10.55 -3.34 4.92
C ALA B 146 11.79 -3.69 4.12
N PRO B 147 12.97 -3.71 4.76
CA PRO B 147 14.18 -4.26 4.12
C PRO B 147 13.83 -5.59 3.46
N PRO B 148 14.28 -5.91 2.23
CA PRO B 148 15.29 -5.16 1.51
C PRO B 148 14.84 -3.95 0.67
N LYS B 149 13.56 -3.55 0.71
CA LYS B 149 13.12 -2.24 0.17
C LYS B 149 13.41 -1.13 1.21
N GLY B 150 12.85 0.08 0.99
CA GLY B 150 13.01 1.29 1.82
C GLY B 150 14.43 1.59 2.36
N LEU B 151 14.55 1.73 3.67
CA LEU B 151 15.84 2.12 4.29
C LEU B 151 16.85 0.98 4.14
N GLY B 152 16.43 -0.27 3.89
CA GLY B 152 17.34 -1.37 3.55
C GLY B 152 17.98 -1.13 2.20
N TRP B 153 17.20 -0.71 1.20
CA TRP B 153 17.76 -0.31 -0.11
C TRP B 153 18.68 0.90 0.11
N MET B 154 18.26 1.84 0.96
CA MET B 154 19.08 3.07 1.14
C MET B 154 20.46 2.71 1.72
N GLN B 155 20.53 1.75 2.65
CA GLN B 155 21.85 1.37 3.21
C GLN B 155 22.70 0.71 2.10
N GLY B 156 22.10 -0.14 1.25
CA GLY B 156 22.83 -0.76 0.13
C GLY B 156 23.44 0.29 -0.80
N PHE B 157 22.64 1.27 -1.17
CA PHE B 157 23.04 2.42 -2.02
C PHE B 157 24.21 3.21 -1.39
N LEU B 158 24.11 3.57 -0.12
CA LEU B 158 25.17 4.31 0.63
C LEU B 158 26.45 3.49 0.70
N ASP B 159 26.36 2.17 0.96
CA ASP B 159 27.50 1.20 0.97
C ASP B 159 28.21 1.17 -0.39
N VAL B 160 27.45 1.11 -1.49
CA VAL B 160 28.07 1.00 -2.84
C VAL B 160 28.64 2.37 -3.22
N CYS B 161 27.94 3.45 -2.89
CA CYS B 161 28.49 4.84 -3.05
C CYS B 161 29.86 4.95 -2.40
N ALA B 162 30.05 4.37 -1.21
CA ALA B 162 31.36 4.27 -0.50
C ALA B 162 32.07 5.64 -0.47
N GLY B 163 31.34 6.70 -0.11
CA GLY B 163 31.85 8.05 0.17
C GLY B 163 32.06 8.88 -1.09
N ASN B 164 31.74 8.37 -2.30
CA ASN B 164 32.09 8.99 -3.60
C ASN B 164 30.82 9.48 -4.37
N CYS B 165 29.64 9.40 -3.75
CA CYS B 165 28.35 10.09 -4.15
C CYS B 165 28.25 11.39 -3.37
N LYS B 166 28.07 12.52 -4.04
CA LYS B 166 28.01 13.84 -3.34
C LYS B 166 26.53 14.05 -2.95
N ILE B 167 26.21 13.81 -1.70
CA ILE B 167 24.82 13.81 -1.16
C ILE B 167 24.74 14.84 -0.03
N ASP B 168 23.87 15.83 -0.21
CA ASP B 168 23.56 16.93 0.73
C ASP B 168 22.37 16.49 1.59
N PHE B 169 21.42 15.72 1.06
CA PHE B 169 20.27 15.25 1.88
C PHE B 169 19.69 13.95 1.32
N LEU B 170 19.09 13.16 2.22
CA LEU B 170 18.33 11.94 1.86
C LEU B 170 16.91 12.37 1.55
N ALA B 171 16.32 11.82 0.49
CA ALA B 171 14.85 11.90 0.20
C ALA B 171 14.16 10.58 0.60
N VAL B 172 13.00 10.69 1.27
CA VAL B 172 12.29 9.48 1.73
C VAL B 172 10.79 9.73 1.63
N HIS B 173 10.03 8.64 1.54
CA HIS B 173 8.55 8.65 1.44
C HIS B 173 7.94 7.72 2.49
N TRP B 174 6.73 8.09 2.96
CA TRP B 174 5.90 7.23 3.83
C TRP B 174 4.41 7.34 3.47
N HIS B 175 3.80 6.19 3.12
CA HIS B 175 2.33 6.08 2.96
C HIS B 175 1.80 5.09 4.01
N GLY B 176 0.66 5.40 4.64
CA GLY B 176 0.14 4.58 5.72
C GLY B 176 -1.14 5.18 6.29
N PRO B 177 -1.76 4.47 7.24
CA PRO B 177 -3.04 4.90 7.76
C PRO B 177 -2.92 6.19 8.57
N SER B 178 -3.93 7.05 8.53
CA SER B 178 -3.97 8.27 9.37
C SER B 178 -3.73 7.90 10.84
N GLY B 179 -4.14 6.73 11.29
CA GLY B 179 -4.02 6.35 12.69
C GLY B 179 -2.63 5.83 13.04
N ASN B 180 -1.67 5.72 12.12
CA ASN B 180 -0.30 5.25 12.47
C ASN B 180 0.69 6.41 12.51
N VAL B 181 0.40 7.43 13.31
CA VAL B 181 1.31 8.59 13.51
C VAL B 181 2.66 8.08 14.10
N ASP B 182 2.62 7.15 15.04
CA ASP B 182 3.85 6.67 15.73
C ASP B 182 4.81 6.02 14.73
N ASP B 183 4.30 5.24 13.77
CA ASP B 183 5.14 4.57 12.73
C ASP B 183 5.76 5.65 11.82
N PHE B 184 5.00 6.69 11.46
CA PHE B 184 5.52 7.78 10.58
C PHE B 184 6.75 8.39 11.27
N LYS B 185 6.59 8.70 12.55
CA LYS B 185 7.68 9.34 13.35
C LYS B 185 8.88 8.40 13.46
N ARG B 186 8.62 7.13 13.81
CA ARG B 186 9.63 6.02 13.80
C ARG B 186 10.43 6.03 12.50
N TYR B 187 9.74 6.01 11.35
CA TYR B 187 10.38 5.94 10.01
C TYR B 187 11.30 7.15 9.76
N VAL B 188 10.83 8.36 10.08
CA VAL B 188 11.54 9.64 9.82
C VAL B 188 12.79 9.71 10.74
N SER B 189 12.66 9.28 11.98
CA SER B 189 13.77 9.30 12.96
C SER B 189 14.85 8.30 12.53
N GLU B 190 14.45 7.12 12.04
CA GLU B 190 15.38 6.10 11.47
CA GLU B 190 15.43 6.12 11.52
C GLU B 190 16.12 6.69 10.27
N ALA B 191 15.37 7.31 9.35
CA ALA B 191 15.98 7.90 8.15
C ALA B 191 17.05 8.90 8.60
N ILE B 192 16.71 9.82 9.52
CA ILE B 192 17.67 10.88 9.99
C ILE B 192 18.92 10.19 10.55
N ALA B 193 18.77 9.15 11.41
CA ALA B 193 19.94 8.45 12.00
C ALA B 193 20.83 7.85 10.89
N LEU B 194 20.21 7.20 9.89
CA LEU B 194 20.94 6.53 8.78
C LEU B 194 21.79 7.58 8.06
N GLY B 195 21.18 8.71 7.67
CA GLY B 195 21.86 9.88 7.06
C GLY B 195 23.11 10.28 7.85
N GLN B 196 22.98 10.41 9.16
CA GLN B 196 24.08 10.90 10.04
C GLN B 196 25.19 9.85 10.16
N LYS B 197 24.83 8.57 10.21
CA LYS B 197 25.82 7.47 10.17
C LYS B 197 26.67 7.60 8.90
N TYR B 198 26.13 8.13 7.78
CA TYR B 198 26.92 8.22 6.52
C TYR B 198 27.36 9.65 6.16
N GLY B 199 27.40 10.58 7.11
CA GLY B 199 27.88 11.96 6.91
C GLY B 199 26.90 12.85 6.14
N ILE B 200 25.58 12.63 6.24
CA ILE B 200 24.56 13.43 5.52
C ILE B 200 23.65 14.04 6.57
N GLY B 201 23.58 15.36 6.61
CA GLY B 201 23.09 16.08 7.81
C GLY B 201 21.58 16.16 7.94
N THR B 202 20.82 15.89 6.86
CA THR B 202 19.37 16.22 6.86
C THR B 202 18.60 15.31 5.89
N VAL B 203 17.27 15.26 6.08
CA VAL B 203 16.32 14.56 5.15
C VAL B 203 15.29 15.55 4.59
N TRP B 204 14.81 15.29 3.37
CA TRP B 204 13.54 15.80 2.83
C TRP B 204 12.54 14.61 2.79
N VAL B 205 11.37 14.76 3.40
CA VAL B 205 10.25 13.78 3.26
C VAL B 205 9.43 14.22 2.05
N THR B 206 9.76 13.72 0.89
CA THR B 206 9.26 14.32 -0.38
C THR B 206 7.88 13.75 -0.78
N GLU B 207 7.41 12.68 -0.11
CA GLU B 207 5.98 12.25 -0.08
C GLU B 207 5.66 11.76 1.33
N PHE B 208 4.53 12.18 1.89
CA PHE B 208 3.89 11.52 3.08
C PHE B 208 2.37 11.62 2.91
N GLU B 209 1.66 10.56 3.30
CA GLU B 209 0.20 10.43 3.14
C GLU B 209 -0.34 9.61 4.33
N GLY B 210 -1.03 10.30 5.27
CA GLY B 210 -1.93 9.74 6.30
C GLY B 210 -3.32 9.49 5.71
N GLN B 211 -3.59 8.21 5.36
CA GLN B 211 -4.75 7.83 4.52
C GLN B 211 -5.98 7.71 5.39
N GLY B 212 -7.13 8.12 4.87
CA GLY B 212 -8.43 7.95 5.57
C GLY B 212 -9.49 8.77 4.89
N ASP B 213 -10.65 8.94 5.53
CA ASP B 213 -11.64 9.97 5.10
C ASP B 213 -10.99 11.35 5.36
N GLU B 214 -11.64 12.41 4.91
CA GLU B 214 -11.12 13.79 4.98
C GLU B 214 -10.87 14.18 6.43
N GLU B 215 -11.76 13.83 7.35
CA GLU B 215 -11.56 14.20 8.77
C GLU B 215 -10.34 13.45 9.31
N ALA B 216 -10.16 12.17 9.03
CA ALA B 216 -8.95 11.45 9.48
C ALA B 216 -7.69 12.07 8.83
N GLN B 217 -7.72 12.43 7.54
CA GLN B 217 -6.52 12.96 6.85
C GLN B 217 -6.14 14.28 7.56
N VAL B 218 -7.16 15.04 7.97
CA VAL B 218 -7.00 16.36 8.69
C VAL B 218 -6.39 16.12 10.07
N ASN B 219 -6.90 15.19 10.87
CA ASN B 219 -6.28 14.87 12.19
C ASN B 219 -4.81 14.46 12.06
N PHE B 220 -4.44 13.71 11.02
CA PHE B 220 -3.02 13.29 10.85
C PHE B 220 -2.19 14.55 10.58
N LEU B 221 -2.69 15.49 9.76
CA LEU B 221 -1.91 16.72 9.42
C LEU B 221 -1.77 17.58 10.70
N LYS B 222 -2.79 17.66 11.55
CA LYS B 222 -2.71 18.41 12.82
C LYS B 222 -1.65 17.81 13.71
N GLU B 223 -1.48 16.50 13.75
CA GLU B 223 -0.40 15.90 14.57
C GLU B 223 0.97 16.06 13.90
N VAL B 224 1.14 15.75 12.61
CA VAL B 224 2.53 15.64 12.05
C VAL B 224 3.12 16.99 11.61
N LEU B 225 2.35 17.97 11.10
CA LEU B 225 2.96 19.18 10.48
C LEU B 225 3.77 19.96 11.51
N PRO B 226 3.27 20.20 12.76
CA PRO B 226 4.07 20.88 13.78
C PRO B 226 5.27 20.02 14.18
N TRP B 227 5.13 18.70 14.20
CA TRP B 227 6.30 17.85 14.57
C TRP B 227 7.36 18.01 13.48
N LEU B 228 6.99 17.92 12.21
CA LEU B 228 7.96 18.17 11.11
C LEU B 228 8.53 19.60 11.21
N ASP B 229 7.71 20.60 11.53
CA ASP B 229 8.18 22.02 11.58
C ASP B 229 9.22 22.22 12.70
N SER B 230 9.15 21.49 13.80
CA SER B 230 10.10 21.52 14.96
C SER B 230 11.29 20.56 14.82
N ASN B 231 11.28 19.61 13.86
CA ASN B 231 12.31 18.54 13.77
C ASN B 231 13.49 19.10 12.98
N ALA B 232 14.58 19.37 13.71
CA ALA B 232 15.89 19.87 13.21
C ALA B 232 16.44 18.94 12.10
N GLY B 233 16.18 17.63 12.12
CA GLY B 233 16.67 16.68 11.10
C GLY B 233 15.89 16.73 9.78
N VAL B 234 14.75 17.42 9.70
CA VAL B 234 13.94 17.55 8.46
C VAL B 234 14.11 18.96 7.93
N GLU B 235 14.72 19.09 6.77
CA GLU B 235 14.95 20.41 6.13
C GLU B 235 13.71 20.80 5.31
N ARG B 236 13.06 19.85 4.65
CA ARG B 236 11.85 20.09 3.80
C ARG B 236 10.94 18.86 3.71
N TYR B 237 9.69 19.05 3.26
CA TYR B 237 8.61 18.03 3.20
C TYR B 237 7.46 18.51 2.32
N ALA B 238 6.65 17.56 1.86
CA ALA B 238 5.52 17.75 0.91
C ALA B 238 4.53 16.63 1.16
N SER B 239 3.35 16.97 1.64
CA SER B 239 2.25 16.00 1.74
C SER B 239 1.86 15.58 0.33
N PHE B 240 1.41 14.35 0.19
CA PHE B 240 1.04 13.73 -1.10
C PHE B 240 -0.46 13.88 -1.33
N PHE B 241 -0.93 14.70 -2.28
CA PHE B 241 -0.18 15.64 -3.10
C PHE B 241 -1.18 16.68 -3.64
N VAL B 242 -0.69 17.75 -4.27
CA VAL B 242 -1.48 18.97 -4.57
C VAL B 242 -2.82 18.58 -5.22
N ASP B 243 -2.77 17.73 -6.23
CA ASP B 243 -3.92 17.51 -7.14
C ASP B 243 -5.02 16.73 -6.41
N ASN B 244 -4.70 15.94 -5.37
CA ASN B 244 -5.75 15.31 -4.51
C ASN B 244 -6.35 16.31 -3.50
N LEU B 245 -5.63 17.38 -3.15
CA LEU B 245 -6.04 18.42 -2.16
C LEU B 245 -6.88 19.53 -2.83
N VAL B 246 -7.08 19.45 -4.14
CA VAL B 246 -7.93 20.41 -4.91
C VAL B 246 -9.06 19.68 -5.68
N LYS B 247 -10.30 20.18 -5.59
CA LYS B 247 -11.50 19.61 -6.25
C LYS B 247 -12.26 20.74 -6.97
N GLY B 248 -12.43 20.64 -8.28
CA GLY B 248 -13.10 21.68 -9.10
C GLY B 248 -12.49 23.05 -8.86
N GLY B 249 -11.18 23.09 -8.62
CA GLY B 249 -10.37 24.32 -8.54
C GLY B 249 -10.32 24.87 -7.13
N ALA B 250 -11.05 24.28 -6.16
CA ALA B 250 -11.11 24.75 -4.77
C ALA B 250 -10.41 23.76 -3.81
N LEU B 251 -9.67 24.28 -2.81
CA LEU B 251 -9.11 23.48 -1.69
C LEU B 251 -10.22 22.62 -1.07
N THR B 252 -9.99 21.32 -0.92
CA THR B 252 -10.80 20.47 -0.01
C THR B 252 -10.50 20.90 1.43
N SER B 253 -11.21 20.30 2.39
CA SER B 253 -10.94 20.51 3.84
C SER B 253 -9.50 20.06 4.14
N VAL B 254 -8.99 19.08 3.42
CA VAL B 254 -7.61 18.55 3.62
C VAL B 254 -6.60 19.59 3.06
N GLY B 255 -6.82 20.09 1.84
CA GLY B 255 -5.99 21.19 1.29
C GLY B 255 -6.03 22.45 2.16
N LYS B 256 -7.19 22.83 2.70
CA LYS B 256 -7.32 23.99 3.62
C LYS B 256 -6.44 23.79 4.85
N ALA B 257 -6.41 22.59 5.44
CA ALA B 257 -5.56 22.28 6.62
C ALA B 257 -4.07 22.34 6.25
N TYR B 258 -3.69 21.77 5.09
CA TYR B 258 -2.27 21.79 4.62
C TYR B 258 -1.79 23.23 4.39
N LYS B 259 -2.74 24.11 4.09
CA LYS B 259 -2.50 25.54 3.83
C LYS B 259 -2.36 26.31 5.13
N THR B 260 -3.06 25.92 6.21
CA THR B 260 -3.28 26.81 7.36
C THR B 260 -2.61 26.27 8.63
N ILE B 261 -2.41 24.96 8.81
CA ILE B 261 -1.81 24.46 10.09
C ILE B 261 -0.42 25.09 10.33
#